data_2DDF
#
_entry.id   2DDF
#
_cell.length_a   74.394
_cell.length_b   75.639
_cell.length_c   103.713
_cell.angle_alpha   90.00
_cell.angle_beta   90.00
_cell.angle_gamma   90.00
#
_symmetry.space_group_name_H-M   'P 21 21 21'
#
loop_
_entity.id
_entity.type
_entity.pdbx_description
1 polymer 'ADAM 17'
2 non-polymer 'ZINC ION'
3 non-polymer 'CALCIUM ION'
4 non-polymer N-{(2R)-2-[2-(hydroxyamino)-2-oxoethyl]-4-methylpentanoyl}-3-methyl-L-valyl-N-(2-aminoethyl)-L-alaninamide
5 non-polymer 'ISOPROPYL ALCOHOL'
6 non-polymer IMIDAZOLE
7 non-polymer 'CITRIC ACID'
8 water water
#
_entity_poly.entity_id   1
_entity_poly.type   'polypeptide(L)'
_entity_poly.pdbx_seq_one_letter_code
;PDPMKNTCKLLVVADHRFYRYMGRGEESTTTNYLIELIDRVDDIYRNTAWDNAGFKGYGIQIEQIRILKSPQEVKPGEKH
YNMAKSYPNEEKDAWDVKMLLEQFSFDIAEEASKVCLAHLFTYQDFDMGTLGLAYGGSPRANSHGGVCPKAYYSPVGKKN
IYLNSGLTSTKNYGKTILTKEADLVTTHELGHNFGAEHDPDGLAECAPNEDQGGKYVMYPIAVSGDHENNKMFSQCSKQS
IYKTIESKAQECFQERS
;
_entity_poly.pdbx_strand_id   A,B
#
loop_
_chem_comp.id
_chem_comp.type
_chem_comp.name
_chem_comp.formula
CA non-polymer 'CALCIUM ION' 'Ca 2'
CIT non-polymer 'CITRIC ACID' 'C6 H8 O7'
IMD non-polymer IMIDAZOLE 'C3 H5 N2 1'
INN peptide-like N-{(2R)-2-[2-(hydroxyamino)-2-oxoethyl]-4-methylpentanoyl}-3-methyl-L-valyl-N-(2-aminoethyl)-L-alaninamide 'C19 H37 N5 O5'
IPA non-polymer 'ISOPROPYL ALCOHOL' 'C3 H8 O'
ZN non-polymer 'ZINC ION' 'Zn 2'
#
# COMPACT_ATOMS: atom_id res chain seq x y z
N PRO A 1 1.84 1.38 6.34
CA PRO A 1 1.54 2.43 7.31
C PRO A 1 2.41 2.29 8.54
N ASP A 2 2.59 3.39 9.26
CA ASP A 2 3.47 3.40 10.42
C ASP A 2 2.59 3.49 11.67
N PRO A 3 2.50 2.39 12.43
CA PRO A 3 1.55 2.34 13.53
C PRO A 3 1.87 3.39 14.60
N MET A 4 3.12 3.88 14.58
CA MET A 4 3.53 4.96 15.49
C MET A 4 3.14 6.33 14.92
N LYS A 5 2.73 6.35 13.65
CA LYS A 5 2.34 7.59 12.94
C LYS A 5 1.12 7.36 12.03
N ASN A 6 0.03 6.91 12.63
CA ASN A 6 -1.21 6.69 11.85
C ASN A 6 -2.42 7.51 12.33
N THR A 7 -2.23 8.38 13.30
CA THR A 7 -3.37 9.09 13.91
C THR A 7 -3.13 10.59 13.95
N CYS A 8 -4.11 11.32 13.44
CA CYS A 8 -4.08 12.79 13.50
C CYS A 8 -4.79 13.21 14.77
N LYS A 9 -4.01 13.71 15.75
CA LYS A 9 -4.58 14.12 17.03
C LYS A 9 -5.20 15.49 16.87
N LEU A 10 -6.36 15.70 17.47
CA LEU A 10 -7.09 16.96 17.33
C LEU A 10 -7.18 17.76 18.61
N LEU A 11 -7.08 19.09 18.44
CA LEU A 11 -7.58 20.01 19.43
C LEU A 11 -8.99 20.34 18.99
N VAL A 12 -9.96 19.99 19.83
CA VAL A 12 -11.36 20.26 19.55
C VAL A 12 -11.77 21.40 20.46
N VAL A 13 -12.36 22.44 19.87
CA VAL A 13 -12.85 23.57 20.64
C VAL A 13 -14.36 23.69 20.55
N ALA A 14 -15.03 23.74 21.70
CA ALA A 14 -16.47 24.01 21.75
C ALA A 14 -16.63 25.46 22.20
N ASP A 15 -17.23 26.32 21.36
CA ASP A 15 -17.39 27.73 21.79
C ASP A 15 -18.59 27.86 22.71
N HIS A 16 -18.82 29.05 23.23
CA HIS A 16 -19.92 29.25 24.19
C HIS A 16 -21.30 28.92 23.60
N ARG A 17 -21.43 29.07 22.29
CA ARG A 17 -22.72 28.81 21.64
C ARG A 17 -22.97 27.34 21.67
N PHE A 18 -21.93 26.57 21.36
CA PHE A 18 -22.05 25.14 21.37
C PHE A 18 -22.32 24.63 22.79
N TYR A 19 -21.60 25.20 23.75
CA TYR A 19 -21.76 24.82 25.16
C TYR A 19 -23.21 25.03 25.61
N ARG A 20 -23.75 26.20 25.28
CA ARG A 20 -25.10 26.59 25.71
C ARG A 20 -26.14 25.71 25.02
N TYR A 21 -26.06 25.63 23.70
CA TYR A 21 -27.17 25.05 22.91
C TYR A 21 -27.09 23.57 22.58
N MET A 22 -25.88 23.01 22.55
CA MET A 22 -25.70 21.56 22.39
C MET A 22 -25.31 20.88 23.68
N GLY A 23 -24.54 21.59 24.49
CA GLY A 23 -24.06 21.03 25.74
C GLY A 23 -25.01 21.21 26.90
N ARG A 24 -26.08 21.97 26.70
CA ARG A 24 -27.06 22.30 27.75
C ARG A 24 -26.40 23.02 28.93
N GLY A 25 -25.29 23.71 28.65
CA GLY A 25 -24.52 24.39 29.69
C GLY A 25 -23.85 23.43 30.65
N GLU A 26 -23.57 22.22 30.17
CA GLU A 26 -22.85 21.22 30.98
C GLU A 26 -21.60 20.70 30.28
N GLU A 27 -20.49 20.61 31.01
CA GLU A 27 -19.26 20.06 30.43
C GLU A 27 -19.46 18.62 29.96
N SER A 28 -20.10 17.79 30.77
CA SER A 28 -20.20 16.35 30.45
C SER A 28 -20.98 16.14 29.14
N THR A 29 -22.09 16.85 28.99
CA THR A 29 -22.97 16.71 27.83
C THR A 29 -22.19 17.19 26.59
N THR A 30 -21.45 18.28 26.78
CA THR A 30 -20.67 18.87 25.67
C THR A 30 -19.57 17.92 25.22
N THR A 31 -18.78 17.41 26.16
CA THR A 31 -17.63 16.57 25.81
C THR A 31 -18.08 15.19 25.28
N ASN A 32 -19.13 14.63 25.89
CA ASN A 32 -19.69 13.35 25.40
C ASN A 32 -20.11 13.46 23.93
N TYR A 33 -20.80 14.54 23.59
CA TYR A 33 -21.28 14.72 22.21
C TYR A 33 -20.09 14.66 21.26
N LEU A 34 -19.05 15.44 21.58
CA LEU A 34 -17.87 15.54 20.71
C LEU A 34 -17.03 14.28 20.65
N ILE A 35 -16.84 13.63 21.80
CA ILE A 35 -16.10 12.38 21.86
C ILE A 35 -16.81 11.36 20.94
N GLU A 36 -18.14 11.28 21.06
CA GLU A 36 -18.86 10.23 20.27
C GLU A 36 -18.81 10.56 18.78
N LEU A 37 -18.94 11.84 18.45
CA LEU A 37 -18.91 12.26 17.06
C LEU A 37 -17.58 11.95 16.41
N ILE A 38 -16.49 12.37 17.06
CA ILE A 38 -15.17 12.14 16.49
C ILE A 38 -14.89 10.65 16.36
N ASP A 39 -15.37 9.84 17.32
CA ASP A 39 -15.17 8.38 17.23
C ASP A 39 -15.93 7.83 16.00
N ARG A 40 -17.14 8.31 15.74
CA ARG A 40 -17.86 7.82 14.54
C ARG A 40 -17.19 8.26 13.23
N VAL A 41 -16.68 9.50 13.21
CA VAL A 41 -15.93 9.98 12.03
C VAL A 41 -14.64 9.15 11.87
N ASP A 42 -13.96 8.89 12.98
CA ASP A 42 -12.78 8.01 13.01
C ASP A 42 -13.09 6.65 12.35
N ASP A 43 -14.24 6.04 12.66
CA ASP A 43 -14.63 4.75 12.00
C ASP A 43 -14.62 4.87 10.49
N ILE A 44 -15.09 6.01 9.97
CA ILE A 44 -15.07 6.23 8.52
C ILE A 44 -13.62 6.27 8.01
N TYR A 45 -12.78 7.08 8.66
CA TYR A 45 -11.42 7.25 8.21
C TYR A 45 -10.65 5.93 8.28
N ARG A 46 -10.75 5.28 9.43
CA ARG A 46 -9.89 4.13 9.74
C ARG A 46 -10.15 2.99 8.74
N ASN A 47 -11.41 2.86 8.32
CA ASN A 47 -11.85 1.82 7.37
C ASN A 47 -11.65 2.14 5.89
N THR A 48 -11.19 3.35 5.59
CA THR A 48 -10.99 3.78 4.21
C THR A 48 -9.65 3.29 3.73
N ALA A 49 -9.66 2.60 2.60
CA ALA A 49 -8.45 2.15 1.94
C ALA A 49 -8.05 3.19 0.93
N TRP A 50 -7.05 4.02 1.24
CA TRP A 50 -6.70 5.19 0.39
C TRP A 50 -6.21 4.81 -1.01
N ASP A 51 -5.77 3.56 -1.16
CA ASP A 51 -5.34 3.03 -2.46
C ASP A 51 -6.26 1.94 -3.03
N ASN A 52 -7.26 1.53 -2.22
CA ASN A 52 -8.13 0.35 -2.49
C ASN A 52 -7.45 -1.01 -2.27
N ALA A 53 -6.61 -1.09 -1.24
CA ALA A 53 -5.85 -2.29 -0.96
C ALA A 53 -5.59 -2.39 0.53
N GLY A 54 -4.33 -2.39 0.93
CA GLY A 54 -3.95 -2.52 2.33
C GLY A 54 -3.63 -1.19 2.98
N PHE A 55 -3.89 -0.10 2.27
CA PHE A 55 -3.51 1.17 2.81
C PHE A 55 -4.69 1.81 3.55
N LYS A 56 -4.99 1.23 4.70
CA LYS A 56 -6.04 1.70 5.61
C LYS A 56 -5.47 1.78 7.01
N GLY A 57 -6.23 2.32 7.95
CA GLY A 57 -5.84 2.37 9.33
C GLY A 57 -5.47 3.76 9.82
N TYR A 58 -5.57 4.76 8.95
CA TYR A 58 -5.37 6.16 9.34
C TYR A 58 -6.63 6.77 9.91
N GLY A 59 -6.49 7.53 10.99
CA GLY A 59 -7.67 8.12 11.60
C GLY A 59 -7.40 9.32 12.46
N ILE A 60 -8.34 9.57 13.37
CA ILE A 60 -8.31 10.80 14.12
C ILE A 60 -8.66 10.51 15.58
N GLN A 61 -8.01 11.22 16.50
CA GLN A 61 -8.30 11.09 17.92
C GLN A 61 -8.20 12.43 18.59
N ILE A 62 -9.01 12.66 19.60
CA ILE A 62 -9.00 13.94 20.32
C ILE A 62 -7.87 13.96 21.36
N GLU A 63 -7.03 15.00 21.31
CA GLU A 63 -5.96 15.24 22.28
C GLU A 63 -6.48 16.07 23.44
N GLN A 64 -7.27 17.09 23.11
CA GLN A 64 -7.81 17.97 24.10
C GLN A 64 -9.11 18.56 23.60
N ILE A 65 -10.08 18.72 24.51
CA ILE A 65 -11.25 19.56 24.24
C ILE A 65 -11.21 20.80 25.10
N ARG A 66 -11.19 21.96 24.44
CA ARG A 66 -11.34 23.23 25.11
C ARG A 66 -12.83 23.56 25.12
N ILE A 67 -13.33 23.91 26.28
CA ILE A 67 -14.75 24.19 26.47
C ILE A 67 -14.86 25.63 26.93
N LEU A 68 -15.39 26.47 26.07
CA LEU A 68 -15.55 27.89 26.40
C LEU A 68 -16.95 28.11 26.94
N LYS A 69 -17.06 28.29 28.25
CA LYS A 69 -18.38 28.33 28.87
C LYS A 69 -19.12 29.66 28.70
N SER A 70 -18.38 30.75 28.49
CA SER A 70 -19.01 32.05 28.33
C SER A 70 -18.35 32.82 27.18
N PRO A 71 -18.98 33.89 26.70
CA PRO A 71 -18.38 34.63 25.59
C PRO A 71 -17.07 35.28 25.98
N GLN A 72 -16.17 35.43 25.00
CA GLN A 72 -14.95 36.21 25.19
C GLN A 72 -15.30 37.69 25.19
N GLU A 73 -15.04 38.37 26.30
CA GLU A 73 -15.24 39.81 26.32
C GLU A 73 -14.18 40.45 25.44
N VAL A 74 -14.59 41.48 24.70
CA VAL A 74 -13.68 42.16 23.82
C VAL A 74 -13.82 43.68 24.03
N LYS A 75 -12.77 44.40 23.66
CA LYS A 75 -12.79 45.86 23.69
C LYS A 75 -13.45 46.36 22.41
N PRO A 76 -13.92 47.64 22.39
CA PRO A 76 -14.47 48.12 21.11
C PRO A 76 -13.46 47.96 19.98
N GLY A 77 -13.92 47.55 18.80
CA GLY A 77 -13.01 47.35 17.67
C GLY A 77 -12.30 46.00 17.62
N GLU A 78 -12.22 45.31 18.76
CA GLU A 78 -11.52 44.03 18.83
C GLU A 78 -12.49 42.88 18.54
N LYS A 79 -12.02 41.83 17.86
CA LYS A 79 -12.87 40.64 17.68
C LYS A 79 -12.18 39.35 18.11
N HIS A 80 -12.96 38.31 18.33
CA HIS A 80 -12.43 37.03 18.80
C HIS A 80 -13.47 36.00 18.40
N TYR A 81 -13.06 34.82 17.97
CA TYR A 81 -14.05 33.85 17.50
C TYR A 81 -15.10 33.46 18.54
N ASN A 82 -14.75 33.58 19.82
CA ASN A 82 -15.68 33.28 20.90
C ASN A 82 -16.43 34.47 21.51
N MET A 83 -16.38 35.61 20.84
CA MET A 83 -17.07 36.81 21.36
C MET A 83 -18.58 36.63 21.22
N ALA A 84 -19.36 37.46 21.93
CA ALA A 84 -20.82 37.33 21.92
C ALA A 84 -21.45 37.60 20.56
N LYS A 85 -21.02 38.70 19.94
CA LYS A 85 -21.61 39.22 18.72
C LYS A 85 -21.08 38.47 17.50
N SER A 86 -21.94 38.35 16.49
CA SER A 86 -21.52 37.91 15.17
C SER A 86 -20.71 38.99 14.43
N TYR A 87 -19.85 38.56 13.52
CA TYR A 87 -19.05 39.48 12.72
C TYR A 87 -19.07 39.01 11.26
N PRO A 88 -19.19 39.95 10.28
CA PRO A 88 -19.15 41.42 10.40
C PRO A 88 -20.49 42.08 10.69
N ASN A 89 -21.56 41.31 10.75
CA ASN A 89 -22.91 41.87 11.00
C ASN A 89 -23.47 41.38 12.34
N GLU A 90 -23.40 42.23 13.37
CA GLU A 90 -23.85 41.85 14.70
C GLU A 90 -25.37 41.56 14.79
N GLU A 91 -26.13 41.98 13.79
CA GLU A 91 -27.58 41.70 13.76
C GLU A 91 -27.94 40.29 13.30
N LYS A 92 -26.98 39.58 12.68
CA LYS A 92 -27.21 38.20 12.20
C LYS A 92 -26.91 37.17 13.27
N ASP A 93 -27.52 36.00 13.15
CA ASP A 93 -27.27 34.91 14.12
C ASP A 93 -25.83 34.40 14.08
N ALA A 94 -25.22 34.51 12.91
CA ALA A 94 -23.88 33.92 12.68
C ALA A 94 -22.88 34.87 12.03
N TRP A 95 -21.60 34.54 12.23
CA TRP A 95 -20.51 35.19 11.48
C TRP A 95 -20.62 34.88 10.00
N ASP A 96 -19.92 35.67 9.20
CA ASP A 96 -19.55 35.23 7.85
C ASP A 96 -18.60 34.05 8.08
N VAL A 97 -18.91 32.88 7.47
CA VAL A 97 -18.20 31.66 7.83
C VAL A 97 -16.68 31.73 7.50
N LYS A 98 -16.31 32.33 6.36
CA LYS A 98 -14.89 32.45 5.99
C LYS A 98 -14.14 33.31 7.02
N MET A 99 -14.71 34.45 7.38
CA MET A 99 -14.13 35.31 8.41
C MET A 99 -14.02 34.59 9.76
N LEU A 100 -15.02 33.77 10.11
CA LEU A 100 -14.95 33.03 11.38
C LEU A 100 -13.77 32.03 11.36
N LEU A 101 -13.61 31.30 10.25
CA LEU A 101 -12.49 30.36 10.20
C LEU A 101 -11.12 31.04 10.34
N GLU A 102 -10.98 32.18 9.65
CA GLU A 102 -9.77 33.00 9.71
C GLU A 102 -9.53 33.46 11.15
N GLN A 103 -10.60 33.93 11.79
CA GLN A 103 -10.47 34.44 13.15
C GLN A 103 -10.09 33.33 14.15
N PHE A 104 -10.74 32.19 14.01
CA PHE A 104 -10.45 31.05 14.87
C PHE A 104 -8.98 30.68 14.73
N SER A 105 -8.54 30.55 13.49
CA SER A 105 -7.13 30.21 13.21
C SER A 105 -6.16 31.24 13.84
N PHE A 106 -6.54 32.51 13.76
CA PHE A 106 -5.73 33.57 14.39
C PHE A 106 -5.65 33.36 15.91
N ASP A 107 -6.82 33.23 16.54
CA ASP A 107 -6.90 33.18 18.00
C ASP A 107 -6.28 31.93 18.61
N ILE A 108 -6.33 30.83 17.87
CA ILE A 108 -5.87 29.51 18.32
C ILE A 108 -4.44 29.16 17.85
N ALA A 109 -3.77 30.12 17.21
CA ALA A 109 -2.49 29.86 16.55
C ALA A 109 -1.45 29.15 17.42
N GLU A 110 -1.26 29.62 18.65
CA GLU A 110 -0.25 29.02 19.55
C GLU A 110 -0.56 27.54 19.74
N GLU A 111 -1.83 27.26 20.05
CA GLU A 111 -2.27 25.89 20.26
C GLU A 111 -2.22 25.04 18.97
N ALA A 112 -2.61 25.65 17.85
CA ALA A 112 -2.69 24.93 16.59
C ALA A 112 -1.31 24.49 16.12
N SER A 113 -0.27 25.24 16.50
CA SER A 113 1.10 24.87 16.12
C SER A 113 1.56 23.52 16.71
N LYS A 114 0.87 23.04 17.73
CA LYS A 114 1.32 21.87 18.49
C LYS A 114 0.50 20.61 18.19
N VAL A 115 -0.48 20.73 17.29
CA VAL A 115 -1.37 19.61 16.98
C VAL A 115 -1.52 19.39 15.48
N CYS A 116 -1.88 18.18 15.10
CA CYS A 116 -2.16 17.87 13.70
C CYS A 116 -3.27 18.77 13.12
N LEU A 117 -4.39 18.88 13.84
CA LEU A 117 -5.52 19.72 13.43
C LEU A 117 -6.21 20.35 14.62
N ALA A 118 -6.78 21.52 14.39
CA ALA A 118 -7.71 22.13 15.33
C ALA A 118 -9.05 22.20 14.64
N HIS A 119 -10.11 21.96 15.40
CA HIS A 119 -11.48 22.06 14.84
C HIS A 119 -12.40 22.76 15.82
N LEU A 120 -13.12 23.78 15.33
CA LEU A 120 -14.11 24.53 16.10
C LEU A 120 -15.47 23.93 15.87
N PHE A 121 -16.15 23.62 16.98
CA PHE A 121 -17.57 23.24 16.96
C PHE A 121 -18.38 24.40 17.49
N THR A 122 -19.32 24.87 16.68
CA THR A 122 -20.12 26.05 17.07
C THR A 122 -21.60 25.76 16.82
N TYR A 123 -22.44 26.73 17.16
CA TYR A 123 -23.87 26.58 17.00
C TYR A 123 -24.39 27.93 16.56
N GLN A 124 -24.35 28.18 15.25
CA GLN A 124 -24.82 29.43 14.66
C GLN A 124 -25.27 29.18 13.21
N ASP A 125 -26.27 29.94 12.77
CA ASP A 125 -26.95 29.63 11.53
C ASP A 125 -26.29 30.42 10.41
N PHE A 126 -25.25 29.85 9.81
CA PHE A 126 -24.63 30.49 8.65
C PHE A 126 -25.63 30.71 7.55
N ASP A 127 -25.51 31.86 6.90
CA ASP A 127 -26.37 32.19 5.75
C ASP A 127 -26.41 31.09 4.67
N MET A 128 -27.60 30.92 4.11
CA MET A 128 -27.79 30.12 2.91
C MET A 128 -27.39 28.65 3.05
N GLY A 129 -27.54 28.12 4.25
CA GLY A 129 -27.47 26.68 4.44
C GLY A 129 -26.07 26.12 4.66
N THR A 130 -25.08 26.99 4.75
CA THR A 130 -23.70 26.52 5.02
C THR A 130 -23.55 25.85 6.40
N LEU A 131 -22.83 24.71 6.42
CA LEU A 131 -22.71 23.91 7.65
C LEU A 131 -21.30 23.93 8.23
N GLY A 132 -20.31 24.18 7.39
CA GLY A 132 -18.90 24.14 7.86
C GLY A 132 -17.92 24.63 6.82
N LEU A 133 -16.63 24.63 7.18
CA LEU A 133 -15.59 25.15 6.30
C LEU A 133 -14.24 24.66 6.81
N ALA A 134 -13.30 24.49 5.89
CA ALA A 134 -11.99 24.00 6.29
C ALA A 134 -10.94 24.49 5.33
N TYR A 135 -9.69 24.55 5.80
CA TYR A 135 -8.54 24.77 4.88
C TYR A 135 -8.04 23.44 4.38
N GLY A 136 -7.50 23.46 3.16
CA GLY A 136 -7.00 22.26 2.49
C GLY A 136 -7.99 21.88 1.43
N GLY A 137 -7.53 21.20 0.39
CA GLY A 137 -8.42 20.65 -0.61
C GLY A 137 -9.31 21.69 -1.26
N SER A 138 -8.77 22.88 -1.50
CA SER A 138 -9.48 23.93 -2.22
C SER A 138 -8.81 24.19 -3.57
N PRO A 139 -9.62 24.32 -4.63
CA PRO A 139 -9.05 24.62 -5.94
C PRO A 139 -8.70 26.11 -5.99
N HIS A 144 -3.81 27.13 0.51
CA HIS A 144 -3.49 25.77 0.98
C HIS A 144 -3.89 25.59 2.45
N GLY A 145 -3.35 24.53 3.07
CA GLY A 145 -3.66 24.18 4.45
C GLY A 145 -4.05 22.71 4.64
N GLY A 146 -4.56 22.42 5.84
CA GLY A 146 -5.01 21.06 6.17
C GLY A 146 -4.08 20.43 7.19
N VAL A 147 -3.97 19.09 7.19
CA VAL A 147 -3.30 18.39 8.27
C VAL A 147 -1.86 18.86 8.40
N CYS A 148 -1.41 18.97 9.65
CA CYS A 148 -0.08 19.45 10.06
C CYS A 148 0.07 20.96 9.91
N PRO A 149 0.46 21.66 10.99
CA PRO A 149 0.37 23.13 10.89
C PRO A 149 1.28 23.67 9.81
N LYS A 150 0.71 24.55 8.98
CA LYS A 150 1.45 25.24 7.93
C LYS A 150 1.26 26.73 8.17
N ALA A 151 2.37 27.46 8.28
CA ALA A 151 2.28 28.86 8.65
C ALA A 151 1.80 29.72 7.47
N TYR A 152 1.06 30.77 7.82
CA TYR A 152 0.69 31.79 6.90
C TYR A 152 0.93 33.09 7.66
N TYR A 153 1.76 33.97 7.12
CA TYR A 153 1.90 35.27 7.79
C TYR A 153 0.76 36.19 7.40
N SER A 154 -0.05 36.54 8.38
CA SER A 154 -1.23 37.37 8.12
C SER A 154 -0.84 38.84 8.14
N PRO A 155 -0.89 39.52 6.99
CA PRO A 155 -0.47 40.93 6.94
C PRO A 155 -1.35 41.80 7.83
N VAL A 156 -2.64 41.46 7.88
CA VAL A 156 -3.59 42.13 8.77
C VAL A 156 -3.37 41.75 10.24
N GLY A 157 -3.20 40.47 10.54
CA GLY A 157 -2.99 40.01 11.92
C GLY A 157 -1.63 40.30 12.53
N LYS A 158 -0.67 40.59 11.64
CA LYS A 158 0.73 40.84 11.99
C LYS A 158 1.48 39.70 12.70
N LYS A 159 1.08 38.46 12.43
CA LYS A 159 1.75 37.30 13.05
C LYS A 159 1.45 36.09 12.21
N ASN A 160 2.16 34.99 12.47
CA ASN A 160 1.84 33.74 11.79
C ASN A 160 0.60 33.10 12.38
N ILE A 161 -0.28 32.63 11.52
CA ILE A 161 -1.40 31.74 11.90
C ILE A 161 -1.15 30.42 11.20
N TYR A 162 -1.86 29.37 11.58
CA TYR A 162 -1.61 28.07 10.95
C TYR A 162 -2.89 27.58 10.29
N LEU A 163 -2.73 26.91 9.19
CA LEU A 163 -3.83 26.56 8.29
C LEU A 163 -4.35 25.15 8.51
N ASN A 164 -4.08 24.61 9.69
CA ASN A 164 -4.49 23.24 10.03
C ASN A 164 -5.81 23.28 10.81
N SER A 165 -6.84 23.87 10.18
CA SER A 165 -8.06 24.19 10.94
C SER A 165 -9.32 23.98 10.10
N GLY A 166 -10.46 23.95 10.80
CA GLY A 166 -11.76 23.71 10.17
C GLY A 166 -12.81 23.99 11.20
N LEU A 167 -14.07 24.05 10.78
CA LEU A 167 -15.17 24.24 11.74
C LEU A 167 -16.43 23.55 11.27
N THR A 168 -17.29 23.27 12.24
CA THR A 168 -18.59 22.64 12.01
C THR A 168 -19.60 23.40 12.84
N SER A 169 -20.74 23.75 12.24
CA SER A 169 -21.87 24.21 13.06
C SER A 169 -22.92 23.13 13.07
N THR A 170 -23.55 22.89 14.23
CA THR A 170 -24.62 21.93 14.33
C THR A 170 -26.01 22.61 14.38
N LYS A 171 -26.05 23.89 13.96
CA LYS A 171 -27.31 24.60 13.71
C LYS A 171 -27.47 24.93 12.25
N ASN A 172 -28.67 24.69 11.71
CA ASN A 172 -28.93 25.07 10.34
C ASN A 172 -30.43 25.27 10.15
N TYR A 173 -30.77 26.41 9.59
CA TYR A 173 -32.18 26.77 9.35
C TYR A 173 -32.98 26.68 10.64
N GLY A 174 -32.45 27.27 11.70
CA GLY A 174 -33.14 27.45 12.95
C GLY A 174 -33.36 26.20 13.79
N LYS A 175 -32.65 25.11 13.48
CA LYS A 175 -32.72 23.98 14.37
C LYS A 175 -31.42 23.19 14.43
N THR A 176 -31.31 22.36 15.45
CA THR A 176 -30.18 21.46 15.61
C THR A 176 -30.24 20.40 14.53
N ILE A 177 -29.12 20.21 13.84
CA ILE A 177 -29.09 19.18 12.81
C ILE A 177 -29.08 17.80 13.44
N LEU A 178 -29.45 16.75 12.70
CA LEU A 178 -29.40 15.40 13.26
C LEU A 178 -27.95 15.01 13.55
N THR A 179 -27.73 14.14 14.54
CA THR A 179 -26.37 13.60 14.67
C THR A 179 -25.84 12.96 13.39
N LYS A 180 -26.71 12.26 12.62
CA LYS A 180 -26.24 11.61 11.40
C LYS A 180 -25.77 12.63 10.35
N GLU A 181 -26.35 13.83 10.40
CA GLU A 181 -25.96 14.95 9.56
C GLU A 181 -24.69 15.61 10.09
N ALA A 182 -24.60 15.77 11.41
CA ALA A 182 -23.39 16.38 12.04
C ALA A 182 -22.12 15.59 11.70
N ASP A 183 -22.24 14.26 11.79
CA ASP A 183 -21.13 13.37 11.44
C ASP A 183 -20.62 13.63 10.03
N LEU A 184 -21.57 13.81 9.10
CA LEU A 184 -21.24 14.08 7.71
C LEU A 184 -20.53 15.43 7.55
N VAL A 185 -20.98 16.47 8.26
CA VAL A 185 -20.33 17.80 8.15
C VAL A 185 -18.85 17.66 8.56
N THR A 186 -18.64 17.12 9.75
CA THR A 186 -17.25 17.05 10.28
C THR A 186 -16.39 16.14 9.40
N THR A 187 -16.97 15.05 8.88
CA THR A 187 -16.23 14.17 7.96
C THR A 187 -15.81 14.94 6.70
N HIS A 188 -16.75 15.70 6.12
CA HIS A 188 -16.47 16.53 4.94
C HIS A 188 -15.34 17.56 5.20
N GLU A 189 -15.43 18.30 6.30
CA GLU A 189 -14.43 19.34 6.58
C GLU A 189 -13.06 18.71 6.86
N LEU A 190 -13.05 17.65 7.65
CA LEU A 190 -11.78 16.93 7.85
C LEU A 190 -11.29 16.36 6.54
N GLY A 191 -12.20 16.02 5.63
CA GLY A 191 -11.78 15.52 4.32
C GLY A 191 -11.00 16.55 3.52
N HIS A 192 -11.46 17.79 3.52
CA HIS A 192 -10.67 18.88 2.95
C HIS A 192 -9.31 18.95 3.64
N ASN A 193 -9.34 18.88 4.98
CA ASN A 193 -8.07 18.95 5.76
C ASN A 193 -7.09 17.88 5.31
N PHE A 194 -7.60 16.67 5.06
CA PHE A 194 -6.77 15.56 4.56
C PHE A 194 -6.41 15.69 3.12
N GLY A 195 -6.95 16.68 2.42
CA GLY A 195 -6.56 16.96 1.03
C GLY A 195 -7.56 16.76 -0.10
N ALA A 196 -8.78 16.35 0.24
CA ALA A 196 -9.79 16.10 -0.78
C ALA A 196 -10.44 17.40 -1.25
N GLU A 197 -10.69 17.50 -2.56
CA GLU A 197 -11.56 18.55 -3.11
C GLU A 197 -13.00 18.06 -3.24
N HIS A 198 -13.92 18.94 -3.63
CA HIS A 198 -15.29 18.47 -3.86
C HIS A 198 -15.39 17.51 -5.04
N ASP A 199 -16.22 16.49 -4.87
CA ASP A 199 -16.55 15.55 -5.99
C ASP A 199 -17.31 16.27 -7.11
N PRO A 200 -16.84 16.13 -8.37
CA PRO A 200 -17.53 16.79 -9.51
C PRO A 200 -18.58 15.93 -10.21
N ASP A 201 -19.68 16.55 -10.62
CA ASP A 201 -20.73 15.85 -11.39
C ASP A 201 -20.19 15.15 -12.64
N GLY A 202 -19.17 15.76 -13.22
CA GLY A 202 -18.58 15.28 -14.46
C GLY A 202 -17.81 13.97 -14.35
N LEU A 203 -17.62 13.47 -13.13
CA LEU A 203 -17.04 12.13 -12.95
C LEU A 203 -18.06 11.25 -12.23
N ALA A 204 -18.85 10.52 -13.01
CA ALA A 204 -19.93 9.67 -12.48
C ALA A 204 -19.50 8.71 -11.37
N GLU A 205 -18.27 8.20 -11.46
CA GLU A 205 -17.72 7.32 -10.44
C GLU A 205 -17.70 8.02 -9.08
N CYS A 206 -17.42 9.31 -9.12
CA CYS A 206 -17.25 10.10 -7.88
C CYS A 206 -18.51 10.81 -7.43
N ALA A 207 -19.53 10.80 -8.28
CA ALA A 207 -20.79 11.45 -7.95
C ALA A 207 -21.96 10.64 -8.54
N PRO A 208 -22.23 9.47 -7.95
CA PRO A 208 -23.27 8.56 -8.46
C PRO A 208 -24.70 9.06 -8.30
N ASN A 209 -25.61 8.50 -9.10
CA ASN A 209 -27.03 8.78 -8.98
C ASN A 209 -27.61 8.12 -7.73
N GLU A 210 -28.81 8.54 -7.33
CA GLU A 210 -29.47 8.01 -6.14
C GLU A 210 -29.71 6.50 -6.16
N ASP A 211 -29.89 5.92 -7.35
CA ASP A 211 -30.10 4.46 -7.43
C ASP A 211 -28.81 3.66 -7.60
N GLN A 212 -27.66 4.33 -7.46
CA GLN A 212 -26.37 3.66 -7.42
C GLN A 212 -25.62 4.00 -6.15
N GLY A 213 -26.38 4.37 -5.12
CA GLY A 213 -25.83 4.58 -3.79
C GLY A 213 -25.72 6.05 -3.41
N GLY A 214 -26.06 6.93 -4.35
CA GLY A 214 -26.02 8.39 -4.15
C GLY A 214 -24.61 8.95 -4.01
N LYS A 215 -24.53 10.18 -3.49
CA LYS A 215 -23.28 10.92 -3.51
C LYS A 215 -22.37 10.49 -2.35
N TYR A 216 -21.06 10.74 -2.53
CA TYR A 216 -20.07 10.48 -1.50
C TYR A 216 -19.88 11.72 -0.64
N VAL A 217 -19.09 11.60 0.42
CA VAL A 217 -19.11 12.63 1.47
C VAL A 217 -18.55 13.97 1.01
N MET A 218 -17.65 13.95 0.02
CA MET A 218 -17.08 15.23 -0.49
C MET A 218 -17.91 15.95 -1.56
N TYR A 219 -19.15 15.52 -1.77
CA TYR A 219 -20.05 16.25 -2.66
C TYR A 219 -20.31 17.65 -2.10
N PRO A 220 -20.38 18.68 -2.97
CA PRO A 220 -20.53 20.06 -2.43
C PRO A 220 -21.86 20.35 -1.75
N ILE A 221 -22.88 19.56 -2.07
CA ILE A 221 -24.24 19.76 -1.53
C ILE A 221 -24.46 18.70 -0.45
N ALA A 222 -24.96 19.11 0.71
CA ALA A 222 -25.03 18.26 1.89
C ALA A 222 -25.70 16.93 1.57
N VAL A 223 -24.94 15.84 1.72
CA VAL A 223 -25.47 14.48 1.64
C VAL A 223 -26.34 14.29 2.88
N SER A 224 -27.62 14.00 2.65
CA SER A 224 -28.62 13.88 3.73
C SER A 224 -28.40 12.65 4.62
N GLY A 225 -27.71 11.64 4.08
CA GLY A 225 -27.11 10.60 4.90
C GLY A 225 -27.80 9.25 4.90
N ASP A 226 -28.93 9.15 4.21
CA ASP A 226 -29.65 7.87 4.19
C ASP A 226 -29.31 7.01 2.97
N HIS A 227 -28.40 7.50 2.12
CA HIS A 227 -27.94 6.69 0.98
C HIS A 227 -26.61 6.03 1.25
N GLU A 228 -26.38 4.90 0.58
CA GLU A 228 -25.24 4.03 0.81
C GLU A 228 -23.88 4.73 0.77
N ASN A 229 -23.71 5.66 -0.16
CA ASN A 229 -22.40 6.25 -0.38
C ASN A 229 -22.10 7.42 0.52
N ASN A 230 -23.14 7.94 1.17
CA ASN A 230 -23.09 9.22 1.85
C ASN A 230 -21.97 9.31 2.89
N LYS A 231 -21.68 8.17 3.55
CA LYS A 231 -20.69 8.09 4.62
C LYS A 231 -19.36 7.44 4.16
N MET A 232 -19.06 7.62 2.89
CA MET A 232 -17.87 7.02 2.33
C MET A 232 -17.15 8.09 1.52
N PHE A 233 -15.85 7.93 1.33
CA PHE A 233 -15.07 8.75 0.42
C PHE A 233 -15.11 8.16 -0.98
N SER A 234 -15.29 9.03 -1.97
CA SER A 234 -15.24 8.65 -3.38
C SER A 234 -13.82 8.21 -3.78
N GLN A 235 -13.69 7.57 -4.93
CA GLN A 235 -12.36 7.32 -5.44
C GLN A 235 -11.54 8.60 -5.71
N CYS A 236 -12.22 9.67 -6.11
CA CYS A 236 -11.58 10.99 -6.31
C CYS A 236 -10.94 11.48 -4.99
N SER A 237 -11.73 11.43 -3.93
CA SER A 237 -11.21 11.81 -2.61
C SER A 237 -10.03 10.93 -2.21
N LYS A 238 -10.14 9.64 -2.46
CA LYS A 238 -9.08 8.71 -2.06
C LYS A 238 -7.79 9.03 -2.75
N GLN A 239 -7.85 9.23 -4.07
CA GLN A 239 -6.62 9.56 -4.83
C GLN A 239 -5.97 10.85 -4.33
N SER A 240 -6.80 11.89 -4.09
CA SER A 240 -6.29 13.14 -3.59
C SER A 240 -5.62 12.98 -2.24
N ILE A 241 -6.29 12.30 -1.32
CA ILE A 241 -5.80 12.17 0.05
C ILE A 241 -4.55 11.26 0.05
N TYR A 242 -4.62 10.21 -0.74
CA TYR A 242 -3.50 9.28 -0.87
C TYR A 242 -2.20 10.00 -1.15
N LYS A 243 -2.22 11.02 -2.01
CA LYS A 243 -1.05 11.85 -2.18
C LYS A 243 -0.71 12.57 -0.84
N THR A 244 -1.72 13.04 -0.11
CA THR A 244 -1.48 13.73 1.18
C THR A 244 -0.76 12.81 2.19
N ILE A 245 -1.39 11.67 2.48
CA ILE A 245 -1.29 11.04 3.78
C ILE A 245 0.07 10.65 4.31
N GLU A 246 0.89 9.96 3.52
CA GLU A 246 2.08 9.30 4.10
C GLU A 246 3.12 10.34 4.54
N SER A 247 3.37 11.27 3.63
CA SER A 247 4.11 12.52 3.84
C SER A 247 3.70 13.22 5.11
N LYS A 248 2.41 13.56 5.18
CA LYS A 248 1.92 14.29 6.33
C LYS A 248 1.98 13.45 7.61
N ALA A 249 1.76 12.15 7.47
CA ALA A 249 1.78 11.24 8.61
C ALA A 249 3.16 11.30 9.27
N GLN A 250 4.20 11.23 8.46
CA GLN A 250 5.56 11.35 9.01
C GLN A 250 5.76 12.72 9.66
N GLU A 251 5.16 13.75 9.07
CA GLU A 251 5.30 15.11 9.58
C GLU A 251 4.62 15.34 10.94
N CYS A 252 3.38 14.86 11.13
CA CYS A 252 2.67 15.22 12.37
C CYS A 252 1.70 14.20 12.97
N PHE A 253 1.62 13.02 12.37
CA PHE A 253 0.70 12.01 12.91
C PHE A 253 1.36 11.28 14.07
N GLN A 254 0.55 10.71 14.95
CA GLN A 254 1.05 10.02 16.15
C GLN A 254 0.47 8.59 16.25
N GLU A 255 0.91 7.86 17.26
CA GLU A 255 0.39 6.53 17.53
C GLU A 255 -1.01 6.62 18.12
N ARG A 256 -1.92 5.78 17.59
CA ARG A 256 -3.27 5.66 18.10
C ARG A 256 -3.23 5.27 19.57
N SER A 257 -3.97 6.00 20.39
CA SER A 257 -4.11 5.65 21.80
C SER A 257 -5.04 4.46 21.93
N PRO B 3 27.19 -41.12 -10.72
CA PRO B 3 25.82 -40.91 -10.14
C PRO B 3 25.82 -40.18 -8.82
N MET B 4 27.00 -39.80 -8.34
CA MET B 4 27.12 -39.12 -7.05
C MET B 4 26.76 -37.64 -7.14
N LYS B 5 27.16 -37.00 -8.24
CA LYS B 5 26.86 -35.61 -8.48
C LYS B 5 25.41 -35.47 -8.94
N ASN B 6 24.48 -35.49 -7.99
CA ASN B 6 23.04 -35.47 -8.31
C ASN B 6 22.29 -34.25 -7.77
N THR B 7 23.03 -33.32 -7.16
CA THR B 7 22.41 -32.17 -6.48
C THR B 7 22.94 -30.83 -6.98
N CYS B 8 22.02 -29.94 -7.35
CA CYS B 8 22.36 -28.57 -7.66
C CYS B 8 22.18 -27.76 -6.38
N LYS B 9 23.30 -27.32 -5.80
CA LYS B 9 23.24 -26.52 -4.57
C LYS B 9 22.77 -25.11 -4.89
N LEU B 10 21.91 -24.57 -4.02
CA LEU B 10 21.29 -23.26 -4.26
C LEU B 10 21.71 -22.21 -3.27
N LEU B 11 21.94 -21.00 -3.78
CA LEU B 11 21.89 -19.79 -2.97
C LEU B 11 20.48 -19.25 -3.03
N VAL B 12 19.80 -19.21 -1.88
CA VAL B 12 18.46 -18.68 -1.81
C VAL B 12 18.48 -17.32 -1.14
N VAL B 13 17.90 -16.32 -1.81
CA VAL B 13 17.84 -14.94 -1.32
C VAL B 13 16.41 -14.47 -1.16
N ALA B 14 16.08 -13.98 0.03
CA ALA B 14 14.80 -13.39 0.29
C ALA B 14 15.01 -11.88 0.42
N ASP B 15 14.34 -11.07 -0.40
CA ASP B 15 14.57 -9.61 -0.34
C ASP B 15 13.73 -8.99 0.76
N HIS B 16 13.95 -7.71 1.04
CA HIS B 16 13.22 -7.08 2.15
C HIS B 16 11.70 -7.17 1.98
N ARG B 17 11.22 -7.18 0.75
CA ARG B 17 9.78 -7.33 0.48
C ARG B 17 9.27 -8.69 0.97
N PHE B 18 9.93 -9.76 0.55
CA PHE B 18 9.59 -11.11 1.00
C PHE B 18 9.66 -11.23 2.53
N TYR B 19 10.75 -10.77 3.11
CA TYR B 19 10.96 -10.80 4.56
C TYR B 19 9.80 -10.12 5.32
N ARG B 20 9.41 -8.93 4.86
CA ARG B 20 8.35 -8.17 5.50
C ARG B 20 6.96 -8.77 5.29
N TYR B 21 6.59 -9.01 4.02
CA TYR B 21 5.23 -9.39 3.70
C TYR B 21 4.92 -10.89 3.66
N MET B 22 5.97 -11.73 3.59
CA MET B 22 5.78 -13.18 3.67
C MET B 22 6.33 -13.77 4.95
N GLY B 23 7.41 -13.19 5.46
CA GLY B 23 8.13 -13.77 6.58
C GLY B 23 7.80 -13.13 7.91
N ARG B 24 6.73 -12.36 7.93
CA ARG B 24 6.25 -11.65 9.14
C ARG B 24 7.34 -10.81 9.83
N GLY B 25 8.27 -10.28 9.04
CA GLY B 25 9.41 -9.56 9.58
C GLY B 25 10.28 -10.37 10.53
N GLU B 26 10.31 -11.70 10.33
CA GLU B 26 11.09 -12.61 11.17
C GLU B 26 12.04 -13.51 10.37
N GLU B 27 13.27 -13.67 10.88
CA GLU B 27 14.28 -14.54 10.29
C GLU B 27 13.75 -15.97 10.21
N SER B 28 13.28 -16.51 11.34
CA SER B 28 12.84 -17.90 11.42
C SER B 28 11.66 -18.22 10.49
N THR B 29 10.65 -17.36 10.49
CA THR B 29 9.46 -17.55 9.67
C THR B 29 9.79 -17.55 8.18
N THR B 30 10.57 -16.55 7.78
CA THR B 30 11.07 -16.45 6.40
C THR B 30 11.88 -17.69 6.01
N THR B 31 12.82 -18.08 6.87
CA THR B 31 13.67 -19.25 6.65
C THR B 31 12.84 -20.51 6.47
N ASN B 32 11.87 -20.71 7.37
CA ASN B 32 11.07 -21.93 7.36
C ASN B 32 10.23 -22.07 6.09
N TYR B 33 9.63 -20.98 5.63
CA TYR B 33 8.85 -20.98 4.38
C TYR B 33 9.75 -21.47 3.25
N LEU B 34 10.95 -20.90 3.17
CA LEU B 34 11.89 -21.25 2.08
C LEU B 34 12.44 -22.67 2.18
N ILE B 35 12.79 -23.13 3.38
CA ILE B 35 13.25 -24.50 3.56
C ILE B 35 12.17 -25.47 3.09
N GLU B 36 10.92 -25.26 3.55
CA GLU B 36 9.84 -26.18 3.18
C GLU B 36 9.52 -26.12 1.69
N LEU B 37 9.51 -24.90 1.12
CA LEU B 37 9.23 -24.76 -0.32
C LEU B 37 10.30 -25.52 -1.13
N ILE B 38 11.57 -25.27 -0.83
CA ILE B 38 12.65 -25.95 -1.60
C ILE B 38 12.56 -27.47 -1.41
N ASP B 39 12.20 -27.93 -0.21
CA ASP B 39 12.12 -29.36 0.04
C ASP B 39 11.01 -29.99 -0.82
N ARG B 40 9.86 -29.33 -0.92
CA ARG B 40 8.75 -29.84 -1.76
C ARG B 40 9.10 -29.80 -3.26
N VAL B 41 9.76 -28.72 -3.70
CA VAL B 41 10.21 -28.61 -5.10
C VAL B 41 11.21 -29.75 -5.39
N ASP B 42 12.11 -30.00 -4.43
CA ASP B 42 13.11 -31.07 -4.57
C ASP B 42 12.40 -32.41 -4.76
N ASP B 43 11.30 -32.66 -4.03
CA ASP B 43 10.57 -33.92 -4.18
C ASP B 43 10.11 -34.15 -5.63
N ILE B 44 9.63 -33.08 -6.27
CA ILE B 44 9.23 -33.12 -7.69
C ILE B 44 10.42 -33.53 -8.57
N TYR B 45 11.56 -32.86 -8.38
CA TYR B 45 12.77 -33.12 -9.18
C TYR B 45 13.28 -34.51 -8.93
N ARG B 46 13.36 -34.92 -7.67
CA ARG B 46 13.99 -36.23 -7.36
C ARG B 46 13.21 -37.38 -7.96
N ASN B 47 11.89 -37.26 -7.99
CA ASN B 47 11.03 -38.32 -8.49
C ASN B 47 10.98 -38.36 -10.01
N THR B 48 11.59 -37.39 -10.67
CA THR B 48 11.51 -37.31 -12.13
C THR B 48 12.56 -38.24 -12.76
N ALA B 49 12.10 -39.13 -13.64
CA ALA B 49 13.00 -39.99 -14.42
C ALA B 49 13.25 -39.36 -15.78
N TRP B 50 14.43 -38.76 -15.95
CA TRP B 50 14.73 -37.92 -17.11
C TRP B 50 14.80 -38.73 -18.40
N ASP B 51 14.97 -40.06 -18.26
CA ASP B 51 14.96 -40.98 -19.41
C ASP B 51 13.78 -41.97 -19.38
N ASN B 52 12.76 -41.68 -18.57
CA ASN B 52 11.60 -42.57 -18.38
C ASN B 52 11.96 -43.99 -17.94
N ALA B 53 13.08 -44.12 -17.24
CA ALA B 53 13.50 -45.40 -16.71
C ALA B 53 13.91 -45.18 -15.27
N GLY B 54 15.20 -45.30 -14.99
CA GLY B 54 15.70 -45.22 -13.64
C GLY B 54 16.70 -44.10 -13.46
N PHE B 55 16.83 -43.25 -14.47
CA PHE B 55 17.72 -42.11 -14.36
C PHE B 55 16.97 -41.00 -13.61
N LYS B 56 16.86 -41.20 -12.30
CA LYS B 56 16.18 -40.27 -11.43
C LYS B 56 17.05 -39.94 -10.22
N GLY B 57 16.47 -39.25 -9.24
CA GLY B 57 17.23 -38.88 -8.04
C GLY B 57 18.08 -37.65 -8.19
N TYR B 58 17.81 -36.84 -9.22
CA TYR B 58 18.45 -35.55 -9.35
C TYR B 58 17.58 -34.45 -8.75
N GLY B 59 18.19 -33.44 -8.16
CA GLY B 59 17.41 -32.39 -7.49
C GLY B 59 18.23 -31.25 -6.96
N ILE B 60 17.71 -30.61 -5.91
CA ILE B 60 18.24 -29.35 -5.45
C ILE B 60 18.39 -29.39 -3.94
N GLN B 61 19.16 -28.45 -3.41
CA GLN B 61 19.39 -28.41 -1.95
C GLN B 61 19.88 -27.03 -1.63
N ILE B 62 19.29 -26.40 -0.61
CA ILE B 62 19.75 -25.08 -0.18
C ILE B 62 21.14 -25.20 0.41
N GLU B 63 22.06 -24.39 -0.08
CA GLU B 63 23.40 -24.31 0.47
C GLU B 63 23.54 -23.13 1.44
N GLN B 64 22.95 -22.00 1.04
CA GLN B 64 22.96 -20.77 1.83
C GLN B 64 21.65 -20.04 1.65
N ILE B 65 21.13 -19.50 2.76
CA ILE B 65 20.00 -18.60 2.73
C ILE B 65 20.47 -17.20 3.13
N ARG B 66 20.14 -16.21 2.32
CA ARG B 66 20.41 -14.83 2.66
C ARG B 66 19.11 -14.09 2.80
N ILE B 67 18.87 -13.54 3.97
CA ILE B 67 17.67 -12.76 4.22
C ILE B 67 18.13 -11.33 4.35
N LEU B 68 17.58 -10.47 3.50
CA LEU B 68 17.87 -9.03 3.52
C LEU B 68 16.75 -8.32 4.27
N LYS B 69 17.04 -7.91 5.51
CA LYS B 69 15.97 -7.43 6.42
C LYS B 69 15.46 -6.01 6.12
N SER B 70 16.31 -5.17 5.53
CA SER B 70 15.88 -3.84 5.11
C SER B 70 16.32 -3.53 3.67
N PRO B 71 15.73 -2.50 3.04
CA PRO B 71 16.10 -2.09 1.68
C PRO B 71 17.54 -1.59 1.60
N GLN B 72 18.18 -1.85 0.46
CA GLN B 72 19.53 -1.38 0.19
C GLN B 72 19.49 0.11 -0.13
N GLU B 73 20.38 0.87 0.52
CA GLU B 73 20.52 2.29 0.20
C GLU B 73 21.31 2.46 -1.08
N VAL B 74 20.87 3.38 -1.94
CA VAL B 74 21.53 3.61 -3.21
C VAL B 74 21.85 5.10 -3.47
N LYS B 75 22.93 5.35 -4.21
CA LYS B 75 23.26 6.70 -4.72
C LYS B 75 22.36 7.05 -5.89
N PRO B 76 22.22 8.36 -6.23
CA PRO B 76 21.32 8.75 -7.33
C PRO B 76 21.74 8.16 -8.67
N GLY B 77 20.76 7.66 -9.42
CA GLY B 77 21.01 7.00 -10.70
C GLY B 77 21.40 5.54 -10.53
N GLU B 78 21.67 5.14 -9.30
CA GLU B 78 22.12 3.79 -9.00
C GLU B 78 20.93 2.89 -8.69
N LYS B 79 21.02 1.63 -9.09
CA LYS B 79 20.01 0.68 -8.66
C LYS B 79 20.54 -0.57 -7.99
N HIS B 80 19.64 -1.28 -7.31
CA HIS B 80 19.96 -2.51 -6.60
C HIS B 80 18.66 -3.30 -6.47
N TYR B 81 18.73 -4.62 -6.59
CA TYR B 81 17.49 -5.40 -6.64
C TYR B 81 16.73 -5.30 -5.33
N ASN B 82 17.47 -5.02 -4.25
CA ASN B 82 16.88 -4.95 -2.92
C ASN B 82 16.65 -3.53 -2.46
N MET B 83 16.72 -2.57 -3.39
CA MET B 83 16.47 -1.17 -3.04
C MET B 83 14.98 -0.98 -2.79
N ALA B 84 14.62 0.11 -2.15
CA ALA B 84 13.25 0.34 -1.69
C ALA B 84 12.24 0.60 -2.82
N LYS B 85 12.67 1.36 -3.81
CA LYS B 85 11.80 1.72 -4.93
C LYS B 85 11.84 0.66 -6.02
N SER B 86 10.77 0.61 -6.81
CA SER B 86 10.74 -0.22 -8.01
C SER B 86 11.36 0.53 -9.18
N TYR B 87 11.79 -0.23 -10.19
CA TYR B 87 12.39 0.32 -11.39
C TYR B 87 11.84 -0.43 -12.62
N PRO B 88 11.48 0.29 -13.70
CA PRO B 88 11.71 1.72 -13.95
C PRO B 88 10.65 2.67 -13.40
N ASN B 89 9.45 2.18 -13.15
CA ASN B 89 8.34 3.02 -12.67
C ASN B 89 8.20 2.93 -11.15
N GLU B 90 8.77 3.92 -10.46
CA GLU B 90 8.72 3.98 -9.00
C GLU B 90 7.28 4.05 -8.48
N GLU B 91 6.36 4.46 -9.36
CA GLU B 91 4.95 4.59 -9.02
C GLU B 91 4.25 3.23 -8.95
N LYS B 92 4.82 2.24 -9.63
CA LYS B 92 4.27 0.89 -9.63
C LYS B 92 4.79 0.06 -8.45
N ASP B 93 4.01 -0.93 -8.04
CA ASP B 93 4.36 -1.81 -6.93
C ASP B 93 5.61 -2.67 -7.24
N ALA B 94 5.85 -2.91 -8.53
CA ALA B 94 6.85 -3.88 -8.96
C ALA B 94 7.81 -3.35 -10.04
N TRP B 95 9.02 -3.91 -10.06
CA TRP B 95 9.94 -3.76 -11.19
C TRP B 95 9.38 -4.30 -12.50
N ASP B 96 9.95 -3.85 -13.62
CA ASP B 96 9.85 -4.67 -14.85
C ASP B 96 10.60 -5.97 -14.50
N VAL B 97 9.97 -7.11 -14.72
CA VAL B 97 10.55 -8.37 -14.21
C VAL B 97 11.88 -8.73 -14.86
N LYS B 98 11.99 -8.45 -16.17
CA LYS B 98 13.23 -8.75 -16.88
C LYS B 98 14.40 -7.90 -16.35
N MET B 99 14.15 -6.62 -16.10
CA MET B 99 15.18 -5.75 -15.48
C MET B 99 15.58 -6.21 -14.09
N LEU B 100 14.60 -6.64 -13.29
CA LEU B 100 14.88 -7.14 -11.95
C LEU B 100 15.78 -8.37 -11.96
N LEU B 101 15.49 -9.35 -12.81
CA LEU B 101 16.34 -10.51 -12.88
C LEU B 101 17.78 -10.13 -13.26
N GLU B 102 17.93 -9.27 -14.27
CA GLU B 102 19.27 -8.83 -14.70
C GLU B 102 20.01 -8.07 -13.55
N GLN B 103 19.25 -7.25 -12.83
CA GLN B 103 19.82 -6.49 -11.68
C GLN B 103 20.28 -7.42 -10.56
N PHE B 104 19.42 -8.39 -10.22
CA PHE B 104 19.75 -9.39 -9.22
C PHE B 104 21.04 -10.12 -9.61
N SER B 105 21.12 -10.59 -10.86
CA SER B 105 22.33 -11.25 -11.35
C SER B 105 23.57 -10.36 -11.20
N PHE B 106 23.43 -9.08 -11.50
CA PHE B 106 24.55 -8.13 -11.38
C PHE B 106 25.04 -8.06 -9.92
N ASP B 107 24.12 -7.77 -9.02
CA ASP B 107 24.42 -7.57 -7.59
C ASP B 107 24.91 -8.82 -6.86
N ILE B 108 24.39 -9.99 -7.22
CA ILE B 108 24.72 -11.23 -6.52
C ILE B 108 25.87 -11.98 -7.18
N ALA B 109 26.50 -11.34 -8.18
CA ALA B 109 27.54 -12.00 -8.99
C ALA B 109 28.63 -12.71 -8.18
N GLU B 110 29.22 -12.05 -7.19
CA GLU B 110 30.30 -12.68 -6.43
C GLU B 110 29.87 -14.00 -5.81
N GLU B 111 28.71 -13.97 -5.14
CA GLU B 111 28.11 -15.16 -4.52
C GLU B 111 27.66 -16.21 -5.53
N ALA B 112 27.03 -15.77 -6.63
CA ALA B 112 26.53 -16.70 -7.66
C ALA B 112 27.67 -17.44 -8.34
N SER B 113 28.86 -16.85 -8.35
CA SER B 113 30.00 -17.50 -8.93
C SER B 113 30.40 -18.78 -8.19
N LYS B 114 29.91 -18.96 -6.97
CA LYS B 114 30.34 -20.09 -6.15
C LYS B 114 29.28 -21.16 -5.95
N VAL B 115 28.16 -21.06 -6.67
CA VAL B 115 27.07 -22.02 -6.47
C VAL B 115 26.42 -22.42 -7.78
N CYS B 116 25.81 -23.61 -7.80
CA CYS B 116 25.08 -24.09 -8.97
C CYS B 116 24.02 -23.08 -9.48
N LEU B 117 23.12 -22.65 -8.60
CA LEU B 117 22.11 -21.63 -8.92
C LEU B 117 21.86 -20.69 -7.77
N ALA B 118 21.50 -19.44 -8.10
CA ALA B 118 20.97 -18.47 -7.15
C ALA B 118 19.50 -18.18 -7.47
N HIS B 119 18.67 -18.06 -6.44
CA HIS B 119 17.25 -17.77 -6.70
C HIS B 119 16.78 -16.66 -5.77
N LEU B 120 16.11 -15.67 -6.35
CA LEU B 120 15.51 -14.56 -5.64
C LEU B 120 14.04 -14.81 -5.34
N PHE B 121 13.69 -14.69 -4.06
CA PHE B 121 12.30 -14.75 -3.63
C PHE B 121 11.92 -13.35 -3.23
N THR B 122 10.86 -12.84 -3.86
CA THR B 122 10.38 -11.47 -3.63
C THR B 122 8.86 -11.43 -3.47
N TYR B 123 8.33 -10.24 -3.21
CA TYR B 123 6.88 -10.07 -3.07
C TYR B 123 6.49 -8.78 -3.80
N GLN B 124 6.30 -8.89 -5.12
CA GLN B 124 5.97 -7.75 -6.01
C GLN B 124 4.95 -8.17 -7.05
N ASP B 125 4.04 -7.27 -7.37
CA ASP B 125 2.97 -7.57 -8.30
C ASP B 125 3.39 -7.16 -9.71
N PHE B 126 4.12 -8.04 -10.38
CA PHE B 126 4.58 -7.77 -11.74
C PHE B 126 3.39 -7.57 -12.64
N ASP B 127 3.57 -6.74 -13.66
CA ASP B 127 2.50 -6.43 -14.61
C ASP B 127 1.97 -7.66 -15.31
N MET B 128 0.66 -7.62 -15.59
CA MET B 128 0.00 -8.57 -16.47
C MET B 128 0.09 -10.05 -16.00
N GLY B 129 0.16 -10.26 -14.69
CA GLY B 129 0.01 -11.60 -14.14
C GLY B 129 1.29 -12.45 -14.15
N THR B 130 2.45 -11.83 -14.42
CA THR B 130 3.72 -12.57 -14.40
C THR B 130 4.14 -12.95 -12.96
N LEU B 131 4.60 -14.21 -12.78
CA LEU B 131 4.92 -14.78 -11.47
C LEU B 131 6.41 -15.01 -11.25
N GLY B 132 7.17 -15.20 -12.33
CA GLY B 132 8.58 -15.45 -12.15
C GLY B 132 9.31 -15.44 -13.47
N LEU B 133 10.62 -15.64 -13.42
CA LEU B 133 11.48 -15.54 -14.61
C LEU B 133 12.82 -16.19 -14.31
N ALA B 134 13.42 -16.81 -15.32
CA ALA B 134 14.71 -17.48 -15.12
C ALA B 134 15.46 -17.61 -16.42
N TYR B 135 16.78 -17.73 -16.32
CA TYR B 135 17.61 -17.97 -17.53
C TYR B 135 17.81 -19.45 -17.77
N GLY B 136 18.01 -19.78 -19.05
CA GLY B 136 18.52 -21.10 -19.36
C GLY B 136 17.75 -21.70 -20.49
N GLY B 137 16.60 -21.13 -20.79
CA GLY B 137 15.71 -21.64 -21.83
C GLY B 137 15.18 -20.57 -22.79
N SER B 138 15.87 -19.44 -22.86
CA SER B 138 15.52 -18.39 -23.83
C SER B 138 16.81 -17.92 -24.53
N PRO B 139 16.77 -17.73 -25.86
CA PRO B 139 15.59 -17.84 -26.73
C PRO B 139 15.25 -19.25 -27.19
N ARG B 140 15.96 -20.23 -26.68
CA ARG B 140 15.62 -21.63 -26.98
C ARG B 140 16.08 -22.48 -25.79
N ALA B 141 15.67 -23.75 -25.79
CA ALA B 141 16.17 -24.70 -24.80
C ALA B 141 17.68 -24.72 -24.77
N ASN B 142 18.24 -25.00 -23.59
CA ASN B 142 19.69 -25.20 -23.43
C ASN B 142 20.51 -24.02 -23.94
N SER B 143 20.04 -22.79 -23.69
CA SER B 143 20.77 -21.61 -24.16
C SER B 143 21.60 -21.00 -23.02
N HIS B 144 21.90 -19.70 -23.11
CA HIS B 144 22.81 -19.07 -22.15
C HIS B 144 22.28 -19.22 -20.74
N GLY B 145 23.18 -19.43 -19.81
CA GLY B 145 22.77 -19.43 -18.40
C GLY B 145 22.20 -20.73 -17.91
N GLY B 146 21.45 -20.67 -16.80
CA GLY B 146 21.02 -21.87 -16.13
C GLY B 146 22.07 -22.42 -15.19
N VAL B 147 21.92 -23.70 -14.83
CA VAL B 147 22.80 -24.33 -13.84
C VAL B 147 24.30 -24.17 -14.19
N CYS B 148 25.09 -23.96 -13.13
CA CYS B 148 26.57 -23.95 -13.17
C CYS B 148 27.10 -22.58 -13.56
N PRO B 149 27.89 -21.95 -12.67
CA PRO B 149 28.35 -20.60 -12.96
C PRO B 149 29.27 -20.57 -14.19
N LYS B 150 28.97 -19.66 -15.09
CA LYS B 150 29.79 -19.34 -16.23
C LYS B 150 29.73 -17.84 -16.38
N ALA B 151 30.91 -17.21 -16.38
CA ALA B 151 30.98 -15.76 -16.45
C ALA B 151 30.54 -15.23 -17.82
N TYR B 152 29.74 -14.16 -17.80
CA TYR B 152 29.42 -13.36 -18.99
C TYR B 152 29.73 -11.91 -18.69
N TYR B 153 30.59 -11.29 -19.50
CA TYR B 153 30.92 -9.90 -19.26
C TYR B 153 29.73 -8.98 -19.56
N SER B 154 29.39 -8.14 -18.59
CA SER B 154 28.34 -7.17 -18.74
C SER B 154 28.92 -5.77 -19.05
N PRO B 155 28.81 -5.33 -20.32
CA PRO B 155 29.35 -4.02 -20.67
C PRO B 155 28.82 -2.86 -19.82
N VAL B 156 27.50 -2.76 -19.62
CA VAL B 156 26.94 -1.71 -18.74
C VAL B 156 27.42 -1.86 -17.29
N GLY B 157 27.59 -3.10 -16.83
CA GLY B 157 27.98 -3.32 -15.43
C GLY B 157 29.49 -3.27 -15.20
N LYS B 158 30.25 -3.25 -16.30
CA LYS B 158 31.72 -3.25 -16.28
C LYS B 158 32.33 -4.36 -15.42
N LYS B 159 31.69 -5.52 -15.41
CA LYS B 159 32.21 -6.68 -14.71
C LYS B 159 31.50 -7.95 -15.17
N ASN B 160 32.06 -9.09 -14.81
CA ASN B 160 31.42 -10.39 -15.06
C ASN B 160 30.20 -10.59 -14.21
N ILE B 161 29.13 -11.06 -14.86
CA ILE B 161 27.92 -11.48 -14.15
C ILE B 161 27.69 -12.95 -14.47
N TYR B 162 26.70 -13.58 -13.81
CA TYR B 162 26.42 -14.99 -14.06
C TYR B 162 24.92 -15.14 -14.33
N LEU B 163 24.57 -16.06 -15.23
CA LEU B 163 23.18 -16.22 -15.62
C LEU B 163 22.60 -17.48 -14.99
N ASN B 164 23.19 -17.92 -13.86
CA ASN B 164 22.70 -19.08 -13.12
C ASN B 164 21.65 -18.66 -12.09
N SER B 165 20.61 -17.99 -12.56
CA SER B 165 19.69 -17.29 -11.66
C SER B 165 18.24 -17.32 -12.11
N GLY B 166 17.35 -17.01 -11.16
CA GLY B 166 15.93 -16.99 -11.45
C GLY B 166 15.26 -16.31 -10.28
N LEU B 167 13.98 -16.01 -10.43
CA LEU B 167 13.23 -15.37 -9.34
C LEU B 167 11.80 -15.84 -9.31
N THR B 168 11.20 -15.78 -8.11
CA THR B 168 9.79 -16.12 -7.90
C THR B 168 9.20 -14.98 -7.10
N SER B 169 8.02 -14.53 -7.51
CA SER B 169 7.24 -13.64 -6.64
C SER B 169 6.00 -14.36 -6.14
N THR B 170 5.68 -14.11 -4.87
CA THR B 170 4.52 -14.76 -4.27
C THR B 170 3.33 -13.79 -4.11
N LYS B 171 3.36 -12.70 -4.87
CA LYS B 171 2.24 -11.76 -4.94
C LYS B 171 1.77 -11.68 -6.37
N ASN B 172 0.46 -11.68 -6.57
CA ASN B 172 -0.13 -11.52 -7.89
C ASN B 172 -1.55 -10.96 -7.77
N TYR B 173 -1.86 -9.95 -8.59
CA TYR B 173 -3.17 -9.28 -8.53
C TYR B 173 -3.57 -8.90 -7.11
N GLY B 174 -2.65 -8.26 -6.41
CA GLY B 174 -2.90 -7.67 -5.10
C GLY B 174 -2.97 -8.61 -3.92
N LYS B 175 -2.75 -9.90 -4.16
CA LYS B 175 -2.89 -10.92 -3.11
C LYS B 175 -1.71 -11.88 -3.09
N THR B 176 -1.54 -12.54 -1.93
CA THR B 176 -0.55 -13.61 -1.77
C THR B 176 -1.06 -14.83 -2.49
N ILE B 177 -0.24 -15.44 -3.35
CA ILE B 177 -0.65 -16.61 -4.08
C ILE B 177 -0.61 -17.83 -3.13
N LEU B 178 -1.33 -18.90 -3.50
CA LEU B 178 -1.35 -20.11 -2.65
C LEU B 178 0.03 -20.72 -2.58
N THR B 179 0.36 -21.39 -1.46
CA THR B 179 1.69 -22.03 -1.39
C THR B 179 1.83 -23.09 -2.48
N LYS B 180 0.76 -23.80 -2.79
CA LYS B 180 0.85 -24.81 -3.89
C LYS B 180 1.21 -24.12 -5.21
N GLU B 181 0.70 -22.91 -5.41
CA GLU B 181 1.02 -22.11 -6.59
C GLU B 181 2.49 -21.66 -6.60
N ALA B 182 2.97 -21.17 -5.44
CA ALA B 182 4.35 -20.68 -5.30
C ALA B 182 5.30 -21.83 -5.62
N ASP B 183 4.99 -23.03 -5.09
CA ASP B 183 5.87 -24.19 -5.34
C ASP B 183 6.06 -24.40 -6.84
N LEU B 184 4.98 -24.26 -7.57
CA LEU B 184 5.02 -24.54 -9.02
C LEU B 184 5.73 -23.41 -9.78
N VAL B 185 5.62 -22.18 -9.28
CA VAL B 185 6.37 -21.08 -9.90
C VAL B 185 7.86 -21.42 -9.82
N THR B 186 8.33 -21.71 -8.61
CA THR B 186 9.76 -22.01 -8.45
C THR B 186 10.15 -23.25 -9.24
N THR B 187 9.29 -24.27 -9.24
CA THR B 187 9.60 -25.50 -10.03
C THR B 187 9.80 -25.14 -11.51
N HIS B 188 8.90 -24.29 -12.02
CA HIS B 188 8.94 -23.85 -13.44
C HIS B 188 10.20 -23.06 -13.75
N GLU B 189 10.52 -22.10 -12.87
CA GLU B 189 11.72 -21.26 -13.07
C GLU B 189 13.00 -22.10 -12.99
N LEU B 190 13.08 -22.98 -11.99
CA LEU B 190 14.22 -23.92 -11.93
C LEU B 190 14.23 -24.82 -13.17
N GLY B 191 13.08 -25.08 -13.75
CA GLY B 191 13.01 -25.93 -14.96
C GLY B 191 13.77 -25.22 -16.09
N HIS B 192 13.50 -23.93 -16.28
CA HIS B 192 14.34 -23.12 -17.21
C HIS B 192 15.83 -23.19 -16.89
N ASN B 193 16.17 -23.03 -15.61
CA ASN B 193 17.59 -23.14 -15.20
C ASN B 193 18.23 -24.47 -15.60
N PHE B 194 17.48 -25.55 -15.47
CA PHE B 194 17.92 -26.89 -15.84
C PHE B 194 17.85 -27.09 -17.39
N GLY B 195 17.46 -26.05 -18.12
CA GLY B 195 17.58 -26.02 -19.61
C GLY B 195 16.30 -26.10 -20.41
N ALA B 196 15.16 -26.33 -19.74
CA ALA B 196 13.88 -26.50 -20.45
C ALA B 196 13.33 -25.19 -21.02
N GLU B 197 12.66 -25.30 -22.19
CA GLU B 197 11.88 -24.19 -22.70
C GLU B 197 10.40 -24.54 -22.41
N HIS B 198 9.48 -23.70 -22.83
CA HIS B 198 8.08 -24.01 -22.55
C HIS B 198 7.56 -25.22 -23.31
N ASP B 199 6.58 -25.89 -22.71
CA ASP B 199 5.77 -26.90 -23.43
C ASP B 199 4.94 -26.19 -24.48
N PRO B 200 4.51 -26.94 -25.54
CA PRO B 200 3.64 -26.34 -26.55
C PRO B 200 2.25 -26.06 -26.00
N ASP B 201 1.58 -25.03 -26.52
CA ASP B 201 0.23 -24.70 -26.05
C ASP B 201 -0.82 -25.61 -26.71
N GLY B 202 -2.01 -25.66 -26.14
CA GLY B 202 -3.11 -26.43 -26.75
C GLY B 202 -3.16 -27.89 -26.35
N LEU B 203 -3.15 -28.76 -27.35
CA LEU B 203 -3.12 -30.20 -27.12
C LEU B 203 -1.96 -30.80 -27.90
N ALA B 204 -1.17 -31.67 -27.24
CA ALA B 204 0.02 -32.27 -27.82
C ALA B 204 0.52 -33.32 -26.80
N GLU B 205 1.50 -34.11 -27.20
CA GLU B 205 2.06 -35.09 -26.27
C GLU B 205 2.54 -34.39 -24.98
N CYS B 206 3.07 -33.18 -25.14
CA CYS B 206 3.64 -32.44 -24.00
C CYS B 206 2.66 -31.41 -23.43
N ALA B 207 1.40 -31.52 -23.83
CA ALA B 207 0.32 -30.71 -23.26
C ALA B 207 -0.97 -31.54 -23.33
N PRO B 208 -1.10 -32.52 -22.41
CA PRO B 208 -2.25 -33.42 -22.39
C PRO B 208 -3.55 -32.72 -22.03
N ASN B 209 -4.68 -33.39 -22.36
CA ASN B 209 -5.98 -32.90 -21.95
C ASN B 209 -6.24 -33.17 -20.46
N GLU B 210 -7.27 -32.55 -19.90
CA GLU B 210 -7.64 -32.72 -18.50
C GLU B 210 -7.89 -34.17 -18.13
N ASP B 211 -8.68 -34.87 -18.95
CA ASP B 211 -8.97 -36.28 -18.74
C ASP B 211 -7.69 -37.08 -18.52
N GLN B 212 -6.63 -36.65 -19.19
CA GLN B 212 -5.34 -37.33 -19.13
C GLN B 212 -4.34 -36.71 -18.13
N GLY B 213 -4.83 -35.80 -17.29
CA GLY B 213 -4.01 -35.23 -16.21
C GLY B 213 -3.70 -33.74 -16.30
N GLY B 214 -4.04 -33.10 -17.42
CA GLY B 214 -3.77 -31.68 -17.61
C GLY B 214 -2.33 -31.39 -18.01
N LYS B 215 -1.95 -30.13 -17.94
CA LYS B 215 -0.63 -29.69 -18.42
C LYS B 215 0.49 -29.99 -17.41
N TYR B 216 1.72 -30.04 -17.94
CA TYR B 216 2.93 -30.22 -17.15
C TYR B 216 3.45 -28.87 -16.70
N VAL B 217 4.46 -28.90 -15.83
CA VAL B 217 4.87 -27.71 -15.11
C VAL B 217 5.48 -26.63 -16.01
N MET B 218 6.08 -27.04 -17.12
CA MET B 218 6.64 -26.04 -18.05
C MET B 218 5.63 -25.42 -19.05
N TYR B 219 4.33 -25.67 -18.84
CA TYR B 219 3.31 -24.97 -19.64
C TYR B 219 3.45 -23.46 -19.45
N PRO B 220 3.29 -22.64 -20.53
CA PRO B 220 3.56 -21.20 -20.38
C PRO B 220 2.60 -20.41 -19.50
N ILE B 221 1.39 -20.94 -19.37
CA ILE B 221 0.39 -20.36 -18.51
C ILE B 221 0.43 -21.19 -17.25
N ALA B 222 0.61 -20.49 -16.13
CA ALA B 222 0.95 -21.13 -14.87
C ALA B 222 -0.07 -22.20 -14.49
N VAL B 223 0.40 -23.42 -14.33
CA VAL B 223 -0.46 -24.50 -13.84
C VAL B 223 -0.93 -24.16 -12.44
N SER B 224 -2.22 -24.38 -12.18
CA SER B 224 -2.82 -24.04 -10.89
C SER B 224 -2.40 -25.04 -9.81
N GLY B 225 -2.05 -26.26 -10.21
CA GLY B 225 -1.75 -27.35 -9.29
C GLY B 225 -2.96 -28.25 -9.04
N ASP B 226 -4.11 -27.81 -9.56
CA ASP B 226 -5.41 -28.50 -9.46
C ASP B 226 -5.49 -29.80 -10.25
N HIS B 227 -4.49 -30.10 -11.07
CA HIS B 227 -4.52 -31.28 -11.93
C HIS B 227 -3.25 -32.13 -11.79
N GLU B 228 -3.38 -33.43 -12.05
CA GLU B 228 -2.31 -34.41 -11.80
C GLU B 228 -0.94 -34.14 -12.46
N ASN B 229 -0.90 -33.75 -13.73
CA ASN B 229 0.39 -33.56 -14.39
C ASN B 229 1.09 -32.25 -13.99
N ASN B 230 0.37 -31.38 -13.28
CA ASN B 230 0.83 -30.02 -12.99
C ASN B 230 2.16 -30.01 -12.22
N LYS B 231 2.36 -31.00 -11.38
CA LYS B 231 3.57 -31.18 -10.58
C LYS B 231 4.55 -32.17 -11.23
N MET B 232 4.52 -32.26 -12.57
CA MET B 232 5.36 -33.19 -13.30
C MET B 232 5.98 -32.49 -14.52
N PHE B 233 7.09 -33.03 -15.00
CA PHE B 233 7.72 -32.58 -16.25
C PHE B 233 7.23 -33.39 -17.46
N SER B 234 7.04 -32.70 -18.58
CA SER B 234 6.64 -33.35 -19.84
C SER B 234 7.81 -34.10 -20.47
N GLN B 235 7.53 -34.93 -21.48
CA GLN B 235 8.62 -35.49 -22.30
C GLN B 235 9.53 -34.45 -22.94
N CYS B 236 8.96 -33.34 -23.43
CA CYS B 236 9.74 -32.28 -24.02
C CYS B 236 10.73 -31.70 -22.99
N SER B 237 10.24 -31.43 -21.78
CA SER B 237 11.12 -30.90 -20.71
C SER B 237 12.25 -31.86 -20.35
N LYS B 238 11.89 -33.11 -20.22
CA LYS B 238 12.85 -34.16 -19.87
C LYS B 238 13.98 -34.27 -20.89
N GLN B 239 13.65 -34.12 -22.17
CA GLN B 239 14.64 -34.17 -23.25
C GLN B 239 15.68 -33.05 -23.10
N SER B 240 15.22 -31.83 -22.84
CA SER B 240 16.16 -30.71 -22.70
C SER B 240 16.95 -30.86 -21.42
N ILE B 241 16.27 -31.24 -20.34
CA ILE B 241 16.91 -31.34 -19.02
C ILE B 241 17.91 -32.50 -18.96
N TYR B 242 17.55 -33.64 -19.54
CA TYR B 242 18.49 -34.76 -19.64
C TYR B 242 19.79 -34.28 -20.29
N LYS B 243 19.69 -33.51 -21.38
CA LYS B 243 20.88 -32.95 -22.04
C LYS B 243 21.73 -32.11 -21.09
N THR B 244 21.08 -31.21 -20.32
CA THR B 244 21.77 -30.43 -19.30
C THR B 244 22.49 -31.35 -18.31
N ILE B 245 21.77 -32.34 -17.79
CA ILE B 245 22.27 -33.19 -16.74
C ILE B 245 23.49 -33.95 -17.22
N GLU B 246 23.35 -34.59 -18.38
CA GLU B 246 24.44 -35.35 -19.00
C GLU B 246 25.70 -34.50 -19.22
N SER B 247 25.51 -33.21 -19.50
CA SER B 247 26.63 -32.31 -19.77
C SER B 247 27.08 -31.43 -18.59
N LYS B 248 26.21 -31.16 -17.62
CA LYS B 248 26.50 -30.17 -16.56
C LYS B 248 26.62 -30.73 -15.12
N ALA B 249 26.18 -31.96 -14.91
CA ALA B 249 26.28 -32.55 -13.57
C ALA B 249 27.74 -32.69 -13.11
N GLN B 250 28.59 -33.21 -13.99
CA GLN B 250 30.02 -33.30 -13.69
C GLN B 250 30.60 -31.92 -13.41
N GLU B 251 30.10 -30.90 -14.10
CA GLU B 251 30.63 -29.54 -13.95
C GLU B 251 30.40 -28.92 -12.56
N CYS B 252 29.17 -29.00 -12.05
CA CYS B 252 28.89 -28.34 -10.79
C CYS B 252 27.89 -29.04 -9.86
N PHE B 253 27.29 -30.15 -10.26
CA PHE B 253 26.39 -30.86 -9.33
C PHE B 253 27.25 -31.59 -8.31
N GLN B 254 26.69 -31.78 -7.13
CA GLN B 254 27.44 -32.37 -6.04
C GLN B 254 26.60 -33.48 -5.39
N GLU B 255 27.19 -34.15 -4.40
CA GLU B 255 26.43 -35.05 -3.54
C GLU B 255 25.63 -34.19 -2.58
N ARG B 256 24.62 -34.79 -1.95
CA ARG B 256 23.91 -34.11 -0.88
C ARG B 256 24.86 -33.86 0.27
ZN ZN C . -16.49 21.51 1.17
CA CA D . -27.37 27.94 8.18
C0 INN E . -19.85 23.51 2.63
C INN E . -18.46 22.96 2.31
O INN E . -18.21 22.63 1.18
N INN E . -17.61 22.90 3.32
O4 INN E . -16.33 22.40 3.16
C4 INN E . -22.25 23.07 2.77
O1 INN E . -22.49 23.66 3.79
CA INN E . -20.90 22.40 2.57
CB INN E . -20.65 21.36 3.67
C1 INN E . -21.63 20.20 3.59
C2 INN E . -21.39 19.27 4.79
C3 INN E . -21.52 19.44 2.28
N1 INN E . -23.10 22.93 1.76
C5 INN E . -24.39 23.61 1.79
C6 INN E . -24.53 24.63 0.65
C7 INN E . -24.30 24.00 -0.73
C8 INN E . -23.52 25.78 0.82
C9 INN E . -25.95 25.24 0.58
C10 INN E . -25.55 22.64 1.83
O2 INN E . -25.53 21.70 1.05
N2 INN E . -26.54 22.90 2.69
C11 INN E . -27.75 22.10 2.77
C13 INN E . -28.89 22.96 2.24
O3 INN E . -28.97 24.15 2.50
C12 INN E . -28.13 21.61 4.16
N4 INN E . -30.29 25.48 0.41
C15 INN E . -30.46 24.14 -0.17
C14 INN E . -30.92 23.19 0.93
N3 INN E . -29.82 22.39 1.47
C1 IPA F . -12.83 31.20 28.14
C2 IPA F . -14.17 31.80 27.73
C3 IPA F . -14.19 33.34 27.90
O2 IPA F . -15.11 31.23 28.61
ZN ZN G . 8.69 -19.84 -18.28
C0 INN H . 6.39 -16.66 -16.75
C INN H . 7.49 -17.61 -17.20
O INN H . 7.27 -18.33 -18.16
N INN H . 8.59 -17.70 -16.48
O4 INN H . 9.57 -18.63 -16.86
C4 INN H . 4.06 -16.61 -15.95
O1 INN H . 4.18 -15.72 -15.13
CA INN H . 5.23 -17.52 -16.23
CB INN H . 5.65 -18.34 -14.99
C1 INN H . 4.54 -19.30 -14.56
C2 INN H . 4.92 -19.84 -13.18
C3 INN H . 4.32 -20.44 -15.54
N1 INN H . 2.98 -16.80 -16.69
C5 INN H . 1.83 -15.89 -16.51
C6 INN H . 1.54 -15.19 -17.85
C7 INN H . 1.14 -16.19 -18.92
C8 INN H . 2.76 -14.39 -18.33
C9 INN H . 0.37 -14.22 -17.70
C10 INN H . 0.65 -16.62 -15.91
O2 INN H . 0.29 -17.75 -16.27
N2 INN H . -0.05 -16.02 -14.95
C11 INN H . -1.19 -16.70 -14.36
C13 INN H . -2.38 -16.74 -15.30
O3 INN H . -2.51 -15.85 -16.14
C12 INN H . -1.57 -15.97 -13.09
N4 INN H . -4.02 -16.58 -17.95
C15 INN H . -4.50 -17.86 -17.46
C14 INN H . -4.47 -17.99 -15.93
N3 INN H . -3.23 -17.76 -15.17
N1 IMD I . 20.40 -24.74 -28.32
C2 IMD I . 21.19 -24.03 -27.49
N3 IMD I . 22.31 -23.68 -28.13
C4 IMD I . 22.26 -24.18 -29.39
C5 IMD I . 21.04 -24.84 -29.50
C1 CIT J . 25.71 -21.94 -24.51
O1 CIT J . 26.48 -21.79 -23.57
O2 CIT J . 25.44 -23.16 -24.98
C2 CIT J . 25.09 -20.73 -25.12
C3 CIT J . 24.26 -21.03 -26.38
O7 CIT J . 23.32 -22.07 -26.09
C4 CIT J . 23.54 -19.74 -26.72
C5 CIT J . 22.65 -19.97 -27.90
O3 CIT J . 23.13 -19.92 -29.02
O4 CIT J . 21.36 -20.24 -27.70
C6 CIT J . 25.12 -21.43 -27.55
O5 CIT J . 26.02 -20.69 -27.94
O6 CIT J . 24.88 -22.56 -28.22
C1 IPA K . -3.70 -35.07 -31.27
C2 IPA K . -2.56 -34.70 -30.32
C3 IPA K . -1.69 -33.56 -30.87
O2 IPA K . -1.72 -35.82 -30.19
C1 IPA L . 20.16 -6.73 5.56
C2 IPA L . 20.68 -6.48 4.14
C3 IPA L . 22.21 -6.56 4.04
O2 IPA L . 20.25 -5.21 3.69
C1 IPA M . 22.02 -25.28 4.60
C2 IPA M . 21.19 -24.15 5.22
C3 IPA M . 19.69 -24.42 5.11
O2 IPA M . 21.47 -22.95 4.54
#